data_3F8M
#
_entry.id   3F8M
#
_cell.length_a   64.501
_cell.length_b   76.954
_cell.length_c   66.897
_cell.angle_alpha   90.000
_cell.angle_beta   113.480
_cell.angle_gamma   90.000
#
_symmetry.space_group_name_H-M   'P 1 21 1'
#
loop_
_entity.id
_entity.type
_entity.pdbx_description
1 polymer 'GntR-family protein transcriptional regulator'
2 non-polymer GLYCEROL
3 water water
#
_entity_poly.entity_id   1
_entity_poly.type   'polypeptide(L)'
_entity_poly.pdbx_seq_one_letter_code
;GSGAVTAGAAPRILKHQVVRAELDRMLDGMRIGDPFPAEREIAEQFEVARETVRQALRELLIDGRVERRGRTTVVARPKI
RQPLGMGSYTEAAKAQGLSAGRILVAWSDLTADEVLAGVLGVDVGAPVLQLERVLTTDGVRVGLETTKLPAQRYPGLRET
FDHEASLYAEIRSRGIAFTRTVDTIDTALPDAREAALLGADARTPMFLLNRVSYDQDDVAIEQRRSLYRGDRMTFTAVMH
AKNSAIVS
;
_entity_poly.pdbx_strand_id   A,B
#
# COMPACT_ATOMS: atom_id res chain seq x y z
N LEU A 14 -22.11 12.69 -29.79
CA LEU A 14 -22.51 12.93 -28.37
C LEU A 14 -23.12 11.69 -27.72
N LYS A 15 -23.70 10.78 -28.52
CA LYS A 15 -24.35 9.57 -27.99
C LYS A 15 -23.46 8.71 -27.06
N HIS A 16 -22.14 8.81 -27.21
CA HIS A 16 -21.17 8.12 -26.34
C HIS A 16 -21.00 8.81 -24.99
N GLN A 17 -21.17 10.13 -24.98
CA GLN A 17 -21.16 10.91 -23.73
C GLN A 17 -22.46 10.72 -22.96
N VAL A 18 -23.58 10.71 -23.69
CA VAL A 18 -24.91 10.53 -23.10
C VAL A 18 -25.10 9.18 -22.40
N VAL A 19 -24.61 8.09 -23.02
CA VAL A 19 -24.67 6.77 -22.38
C VAL A 19 -23.95 6.76 -21.02
N ARG A 20 -22.74 7.34 -20.97
CA ARG A 20 -21.99 7.47 -19.72
C ARG A 20 -22.76 8.28 -18.65
N ALA A 21 -23.52 9.27 -19.09
CA ALA A 21 -24.32 10.08 -18.17
C ALA A 21 -25.56 9.32 -17.70
N GLU A 22 -26.12 8.51 -18.60
CA GLU A 22 -27.29 7.71 -18.29
C GLU A 22 -26.92 6.59 -17.28
N LEU A 23 -25.70 6.06 -17.37
CA LEU A 23 -25.27 5.02 -16.43
C LEU A 23 -25.07 5.62 -15.05
N ASP A 24 -24.53 6.84 -15.00
CA ASP A 24 -24.40 7.58 -13.74
C ASP A 24 -25.77 7.81 -13.08
N ARG A 25 -26.74 8.26 -13.88
CA ARG A 25 -28.11 8.42 -13.41
C ARG A 25 -28.72 7.09 -12.95
N MET A 26 -28.49 6.02 -13.71
CA MET A 26 -28.95 4.71 -13.24
C MET A 26 -28.34 4.41 -11.88
N LEU A 27 -27.02 4.55 -11.79
CA LEU A 27 -26.27 4.28 -10.56
C LEU A 27 -26.81 5.03 -9.34
N ASP A 28 -27.23 6.29 -9.53
CA ASP A 28 -27.83 7.07 -8.42
C ASP A 28 -29.06 6.40 -7.79
N GLY A 29 -29.84 5.72 -8.61
CA GLY A 29 -31.08 5.10 -8.18
C GLY A 29 -31.01 3.66 -7.74
N MET A 30 -29.86 3.04 -7.89
CA MET A 30 -29.73 1.61 -7.59
C MET A 30 -29.10 1.41 -6.22
N ARG A 31 -29.24 0.19 -5.70
CA ARG A 31 -28.61 -0.23 -4.45
CA ARG A 31 -28.62 -0.22 -4.45
C ARG A 31 -27.38 -1.06 -4.73
N ILE A 32 -26.50 -1.16 -3.75
CA ILE A 32 -25.36 -2.04 -3.85
C ILE A 32 -25.85 -3.49 -4.13
N GLY A 33 -25.26 -4.15 -5.12
CA GLY A 33 -25.72 -5.49 -5.51
C GLY A 33 -26.73 -5.54 -6.67
N ASP A 34 -27.33 -4.40 -7.04
CA ASP A 34 -28.34 -4.37 -8.13
C ASP A 34 -27.65 -4.66 -9.49
N PRO A 35 -28.23 -5.59 -10.31
CA PRO A 35 -27.66 -5.84 -11.66
C PRO A 35 -28.15 -4.90 -12.74
N PHE A 36 -27.24 -4.46 -13.62
CA PHE A 36 -27.58 -3.68 -14.79
C PHE A 36 -28.25 -4.63 -15.77
N PRO A 37 -29.10 -4.09 -16.67
CA PRO A 37 -29.60 -4.86 -17.83
C PRO A 37 -28.41 -5.33 -18.61
N ALA A 38 -28.56 -6.35 -19.47
CA ALA A 38 -27.44 -6.76 -20.33
C ALA A 38 -26.97 -5.66 -21.27
N GLU A 39 -25.69 -5.76 -21.62
CA GLU A 39 -25.02 -4.76 -22.41
C GLU A 39 -25.80 -4.45 -23.67
N ARG A 40 -26.29 -5.48 -24.36
CA ARG A 40 -27.03 -5.25 -25.60
C ARG A 40 -28.31 -4.47 -25.40
N GLU A 41 -29.04 -4.72 -24.30
CA GLU A 41 -30.28 -3.99 -24.04
C GLU A 41 -29.99 -2.53 -23.82
N ILE A 42 -28.97 -2.26 -23.02
CA ILE A 42 -28.58 -0.88 -22.76
C ILE A 42 -28.19 -0.18 -24.06
N ALA A 43 -27.36 -0.86 -24.87
CA ALA A 43 -26.90 -0.25 -26.10
C ALA A 43 -28.09 0.17 -26.97
N GLU A 44 -29.05 -0.72 -27.11
CA GLU A 44 -30.26 -0.45 -27.90
C GLU A 44 -31.11 0.67 -27.29
N GLN A 45 -31.20 0.69 -25.96
CA GLN A 45 -31.95 1.74 -25.24
C GLN A 45 -31.37 3.08 -25.64
N PHE A 46 -30.04 3.19 -25.65
CA PHE A 46 -29.39 4.48 -25.89
C PHE A 46 -28.73 4.70 -27.28
N GLU A 47 -29.16 3.94 -28.28
CA GLU A 47 -28.63 4.08 -29.66
C GLU A 47 -27.11 4.22 -29.71
N VAL A 48 -26.42 3.29 -29.06
CA VAL A 48 -24.97 3.12 -29.18
C VAL A 48 -24.59 1.64 -29.40
N ALA A 49 -23.36 1.41 -29.82
CA ALA A 49 -22.82 0.09 -30.03
C ALA A 49 -22.79 -0.64 -28.69
N ARG A 50 -22.94 -1.97 -28.76
CA ARG A 50 -22.71 -2.87 -27.61
C ARG A 50 -21.31 -2.67 -27.01
N GLU A 51 -20.32 -2.46 -27.87
CA GLU A 51 -18.93 -2.25 -27.41
C GLU A 51 -18.80 -0.92 -26.68
N THR A 52 -19.68 0.03 -27.01
CA THR A 52 -19.68 1.31 -26.32
C THR A 52 -20.19 1.17 -24.87
N VAL A 53 -21.25 0.38 -24.67
CA VAL A 53 -21.77 0.13 -23.32
C VAL A 53 -20.71 -0.68 -22.56
N ARG A 54 -20.15 -1.71 -23.19
CA ARG A 54 -19.10 -2.55 -22.57
C ARG A 54 -17.99 -1.69 -21.99
N GLN A 55 -17.53 -0.74 -22.80
CA GLN A 55 -16.45 0.13 -22.41
C GLN A 55 -16.85 1.06 -21.25
N ALA A 56 -18.07 1.61 -21.29
CA ALA A 56 -18.47 2.51 -20.20
C ALA A 56 -18.56 1.71 -18.90
N LEU A 57 -19.07 0.48 -18.98
CA LEU A 57 -19.14 -0.39 -17.76
C LEU A 57 -17.78 -0.78 -17.21
N ARG A 58 -16.86 -1.08 -18.11
CA ARG A 58 -15.49 -1.34 -17.73
C ARG A 58 -14.81 -0.14 -17.02
N GLU A 59 -15.14 1.08 -17.44
CA GLU A 59 -14.63 2.30 -16.81
C GLU A 59 -15.21 2.44 -15.38
N LEU A 60 -16.50 2.14 -15.24
CA LEU A 60 -17.12 2.13 -13.93
C LEU A 60 -16.47 1.11 -13.01
N LEU A 61 -16.08 -0.03 -13.58
CA LEU A 61 -15.50 -1.12 -12.81
C LEU A 61 -14.13 -0.71 -12.29
N ILE A 62 -13.36 -0.09 -13.16
CA ILE A 62 -12.03 0.41 -12.81
C ILE A 62 -12.14 1.49 -11.72
N ASP A 63 -13.16 2.34 -11.83
CA ASP A 63 -13.54 3.33 -10.81
C ASP A 63 -14.13 2.71 -9.51
N GLY A 64 -14.33 1.39 -9.49
CA GLY A 64 -14.77 0.68 -8.27
C GLY A 64 -16.26 0.80 -7.99
N ARG A 65 -16.99 1.32 -8.95
CA ARG A 65 -18.40 1.64 -8.78
C ARG A 65 -19.33 0.49 -9.14
N VAL A 66 -18.80 -0.49 -9.88
CA VAL A 66 -19.53 -1.69 -10.23
C VAL A 66 -18.57 -2.85 -10.14
N GLU A 67 -19.10 -4.06 -10.17
CA GLU A 67 -18.25 -5.23 -10.16
C GLU A 67 -18.96 -6.34 -10.90
N ARG A 68 -18.22 -7.38 -11.32
CA ARG A 68 -18.85 -8.53 -11.97
C ARG A 68 -19.37 -9.54 -10.96
N ARG A 69 -20.51 -10.16 -11.30
CA ARG A 69 -21.10 -11.27 -10.56
C ARG A 69 -21.59 -12.23 -11.62
N GLY A 70 -20.79 -13.28 -11.86
CA GLY A 70 -21.02 -14.23 -12.95
C GLY A 70 -21.07 -13.45 -14.25
N ARG A 71 -22.16 -13.61 -14.98
CA ARG A 71 -22.37 -12.94 -16.27
C ARG A 71 -22.81 -11.47 -16.13
N THR A 72 -23.09 -11.04 -14.90
CA THR A 72 -23.75 -9.76 -14.72
C THR A 72 -22.75 -8.72 -14.16
N THR A 73 -23.12 -7.46 -14.35
CA THR A 73 -22.42 -6.35 -13.73
C THR A 73 -23.34 -5.80 -12.66
N VAL A 74 -22.83 -5.70 -11.42
CA VAL A 74 -23.64 -5.19 -10.31
C VAL A 74 -23.05 -3.95 -9.66
N VAL A 75 -23.91 -3.21 -8.94
CA VAL A 75 -23.50 -2.00 -8.24
C VAL A 75 -22.56 -2.46 -7.09
N ALA A 76 -21.45 -1.73 -6.88
CA ALA A 76 -20.52 -2.09 -5.79
C ALA A 76 -20.44 -0.91 -4.83
N ARG A 77 -19.91 -1.12 -3.62
CA ARG A 77 -19.54 0.02 -2.76
CA ARG A 77 -19.55 0.03 -2.80
C ARG A 77 -18.09 0.35 -3.11
N PRO A 78 -17.84 1.58 -3.59
CA PRO A 78 -16.52 1.87 -4.05
C PRO A 78 -15.55 2.00 -2.85
N LYS A 79 -14.35 1.48 -3.04
CA LYS A 79 -13.24 1.74 -2.09
C LYS A 79 -12.91 3.21 -2.11
N ILE A 80 -12.65 3.78 -0.92
CA ILE A 80 -12.06 5.11 -0.85
C ILE A 80 -10.66 5.06 -1.43
N ARG A 81 -10.36 5.99 -2.34
CA ARG A 81 -9.04 6.04 -3.00
C ARG A 81 -8.23 7.18 -2.38
N GLN A 82 -7.39 6.82 -1.44
CA GLN A 82 -6.68 7.82 -0.68
C GLN A 82 -5.24 8.02 -1.14
N PRO A 83 -4.89 9.27 -1.53
CA PRO A 83 -3.51 9.60 -1.89
C PRO A 83 -2.60 9.38 -0.68
N LEU A 84 -1.41 8.83 -0.90
CA LEU A 84 -0.42 8.78 0.18
C LEU A 84 0.15 10.19 0.31
N GLY A 85 0.26 10.67 1.53
CA GLY A 85 0.78 12.02 1.74
C GLY A 85 0.04 12.66 2.90
N MET A 86 -0.08 13.98 2.85
CA MET A 86 -0.55 14.78 3.98
C MET A 86 -2.00 15.29 3.85
N GLY A 87 -2.69 14.83 2.80
CA GLY A 87 -4.08 15.18 2.57
C GLY A 87 -5.02 14.46 3.52
N SER A 88 -6.33 14.64 3.35
CA SER A 88 -7.28 14.15 4.33
C SER A 88 -8.10 12.98 3.83
N TYR A 89 -8.45 12.12 4.77
CA TYR A 89 -9.29 10.97 4.49
C TYR A 89 -10.68 11.43 3.97
N THR A 90 -11.28 12.40 4.68
CA THR A 90 -12.61 12.92 4.27
C THR A 90 -12.56 13.63 2.92
N GLU A 91 -11.47 14.35 2.66
CA GLU A 91 -11.29 15.03 1.37
C GLU A 91 -11.21 14.01 0.23
N ALA A 92 -10.51 12.89 0.48
CA ALA A 92 -10.35 11.86 -0.55
C ALA A 92 -11.74 11.31 -0.88
N ALA A 93 -12.54 11.03 0.15
CA ALA A 93 -13.88 10.45 -0.04
C ALA A 93 -14.82 11.46 -0.72
N LYS A 94 -14.77 12.71 -0.27
CA LYS A 94 -15.49 13.84 -0.93
C LYS A 94 -15.27 13.87 -2.43
N ALA A 95 -14.00 13.88 -2.84
CA ALA A 95 -13.57 13.78 -4.25
C ALA A 95 -14.25 12.69 -5.09
N GLN A 96 -14.73 11.63 -4.43
CA GLN A 96 -15.39 10.51 -5.11
C GLN A 96 -16.89 10.55 -4.90
N GLY A 97 -17.38 11.60 -4.23
CA GLY A 97 -18.81 11.72 -3.92
C GLY A 97 -19.27 10.72 -2.87
N LEU A 98 -18.39 10.43 -1.92
CA LEU A 98 -18.61 9.42 -0.87
C LEU A 98 -18.63 10.08 0.52
N SER A 99 -19.47 9.59 1.43
CA SER A 99 -19.67 10.20 2.76
C SER A 99 -18.85 9.60 3.92
N ALA A 100 -17.72 10.23 4.22
CA ALA A 100 -16.81 9.66 5.21
C ALA A 100 -16.94 10.34 6.58
N GLY A 101 -16.66 9.58 7.64
CA GLY A 101 -16.62 10.18 8.97
C GLY A 101 -15.60 9.56 9.89
N ARG A 102 -15.53 10.08 11.11
CA ARG A 102 -14.65 9.55 12.15
C ARG A 102 -15.42 9.48 13.46
N ILE A 103 -15.16 8.42 14.21
CA ILE A 103 -15.78 8.23 15.52
C ILE A 103 -14.70 8.04 16.58
N LEU A 104 -14.83 8.78 17.69
CA LEU A 104 -13.88 8.67 18.78
C LEU A 104 -14.01 7.27 19.36
N VAL A 105 -12.91 6.54 19.45
CA VAL A 105 -12.85 5.34 20.26
C VAL A 105 -12.45 5.73 21.70
N ALA A 106 -11.26 6.31 21.85
CA ALA A 106 -10.82 6.75 23.18
C ALA A 106 -9.59 7.65 23.09
N TRP A 107 -9.48 8.56 24.06
CA TRP A 107 -8.22 9.20 24.35
C TRP A 107 -7.57 8.35 25.46
N SER A 108 -6.26 8.15 25.38
CA SER A 108 -5.48 7.45 26.41
C SER A 108 -4.26 8.30 26.78
N ASP A 109 -3.91 8.28 28.07
CA ASP A 109 -2.74 8.98 28.55
C ASP A 109 -1.72 7.91 28.89
N LEU A 110 -0.58 7.97 28.21
CA LEU A 110 0.46 6.98 28.21
C LEU A 110 1.78 7.71 28.50
N THR A 111 2.89 6.96 28.61
CA THR A 111 4.24 7.56 28.60
C THR A 111 5.12 6.89 27.53
N ALA A 112 6.14 7.60 27.06
CA ALA A 112 6.97 7.06 25.98
C ALA A 112 7.98 6.06 26.53
N ASP A 113 7.95 4.84 26.00
CA ASP A 113 9.01 3.90 26.32
C ASP A 113 10.25 4.27 25.53
N GLU A 114 11.33 3.51 25.70
CA GLU A 114 12.57 3.83 25.00
C GLU A 114 12.40 3.98 23.49
N VAL A 115 11.72 3.03 22.84
CA VAL A 115 11.54 3.05 21.39
C VAL A 115 10.71 4.27 20.91
N LEU A 116 9.57 4.47 21.54
CA LEU A 116 8.71 5.59 21.20
C LEU A 116 9.40 6.94 21.52
N ALA A 117 10.10 7.03 22.65
CA ALA A 117 10.92 8.25 22.88
C ALA A 117 11.84 8.56 21.72
N GLY A 118 12.56 7.55 21.21
CA GLY A 118 13.42 7.69 20.02
C GLY A 118 12.67 8.13 18.78
N VAL A 119 11.49 7.56 18.55
CA VAL A 119 10.72 7.91 17.34
C VAL A 119 10.30 9.39 17.41
N LEU A 120 9.84 9.82 18.57
CA LEU A 120 9.29 11.16 18.69
C LEU A 120 10.33 12.19 19.09
N GLY A 121 11.53 11.71 19.41
CA GLY A 121 12.62 12.57 19.86
C GLY A 121 12.29 13.31 21.15
N VAL A 122 11.62 12.65 22.08
CA VAL A 122 11.33 13.18 23.41
C VAL A 122 12.08 12.35 24.43
N ASP A 123 12.00 12.74 25.69
CA ASP A 123 12.63 11.99 26.77
C ASP A 123 11.88 10.67 26.99
N VAL A 124 12.63 9.64 27.36
CA VAL A 124 12.03 8.44 27.93
C VAL A 124 11.17 8.83 29.14
N GLY A 125 9.95 8.32 29.18
CA GLY A 125 9.00 8.68 30.22
C GLY A 125 8.11 9.88 29.92
N ALA A 126 8.39 10.60 28.85
CA ALA A 126 7.63 11.81 28.53
C ALA A 126 6.14 11.45 28.27
N PRO A 127 5.24 12.38 28.56
CA PRO A 127 3.80 12.10 28.44
C PRO A 127 3.39 11.96 26.96
N VAL A 128 2.56 10.98 26.68
CA VAL A 128 2.12 10.73 25.31
C VAL A 128 0.59 10.73 25.38
N LEU A 129 -0.04 11.48 24.48
CA LEU A 129 -1.48 11.50 24.39
C LEU A 129 -1.83 10.63 23.19
N GLN A 130 -2.66 9.61 23.39
CA GLN A 130 -3.06 8.74 22.24
C GLN A 130 -4.51 8.95 21.90
N LEU A 131 -4.77 9.17 20.60
CA LEU A 131 -6.09 9.32 20.10
C LEU A 131 -6.38 8.07 19.25
N GLU A 132 -7.47 7.39 19.56
CA GLU A 132 -7.93 6.26 18.72
C GLU A 132 -9.29 6.55 18.19
N ARG A 133 -9.45 6.35 16.88
CA ARG A 133 -10.69 6.67 16.21
C ARG A 133 -10.91 5.57 15.15
N VAL A 134 -12.19 5.37 14.84
CA VAL A 134 -12.63 4.54 13.70
CA VAL A 134 -12.55 4.58 13.67
C VAL A 134 -13.06 5.45 12.55
N LEU A 135 -12.62 5.13 11.34
CA LEU A 135 -12.99 5.84 10.14
C LEU A 135 -14.15 5.06 9.49
N THR A 136 -15.11 5.79 8.91
CA THR A 136 -16.33 5.18 8.36
C THR A 136 -16.62 5.78 7.01
N THR A 137 -17.32 5.02 6.18
CA THR A 137 -17.89 5.57 4.96
C THR A 137 -19.25 4.91 4.71
N ASP A 138 -20.26 5.72 4.40
CA ASP A 138 -21.56 5.16 4.00
CA ASP A 138 -21.58 5.18 3.99
C ASP A 138 -22.11 4.16 5.00
N GLY A 139 -22.00 4.51 6.29
CA GLY A 139 -22.47 3.60 7.32
C GLY A 139 -21.61 2.37 7.66
N VAL A 140 -20.45 2.19 7.04
CA VAL A 140 -19.65 1.00 7.35
C VAL A 140 -18.23 1.37 7.80
N ARG A 141 -17.65 0.49 8.64
CA ARG A 141 -16.34 0.76 9.22
CA ARG A 141 -16.34 0.73 9.22
C ARG A 141 -15.25 0.50 8.18
N VAL A 142 -14.28 1.42 8.12
CA VAL A 142 -13.18 1.37 7.15
C VAL A 142 -11.84 1.09 7.84
N GLY A 143 -11.60 1.69 8.99
CA GLY A 143 -10.25 1.56 9.54
C GLY A 143 -10.16 2.10 10.96
N LEU A 144 -9.08 1.70 11.63
CA LEU A 144 -8.81 2.11 13.01
C LEU A 144 -7.47 2.84 12.99
N GLU A 145 -7.51 4.08 13.49
CA GLU A 145 -6.40 5.02 13.46
CA GLU A 145 -6.34 4.93 13.48
C GLU A 145 -5.97 5.28 14.90
N THR A 146 -4.71 5.00 15.22
CA THR A 146 -4.20 5.16 16.59
C THR A 146 -3.04 6.12 16.48
N THR A 147 -3.22 7.33 17.01
CA THR A 147 -2.21 8.36 16.83
C THR A 147 -1.59 8.59 18.21
N LYS A 148 -0.28 8.46 18.31
CA LYS A 148 0.45 8.76 19.57
C LYS A 148 1.14 10.10 19.39
N LEU A 149 0.89 11.02 20.31
CA LEU A 149 1.38 12.37 20.18
C LEU A 149 2.24 12.67 21.41
N PRO A 150 3.34 13.42 21.23
CA PRO A 150 4.06 13.94 22.41
C PRO A 150 3.17 14.99 23.10
N ALA A 151 2.63 14.65 24.27
CA ALA A 151 1.56 15.41 24.94
C ALA A 151 1.97 16.84 25.21
N GLN A 152 3.26 17.02 25.48
CA GLN A 152 3.83 18.36 25.78
CA GLN A 152 3.71 18.37 25.83
C GLN A 152 3.67 19.33 24.64
N ARG A 153 3.68 18.81 23.42
CA ARG A 153 3.53 19.67 22.23
C ARG A 153 2.10 20.21 22.02
N TYR A 154 1.11 19.62 22.67
CA TYR A 154 -0.30 19.96 22.35
C TYR A 154 -1.17 20.27 23.56
N PRO A 155 -0.81 21.29 24.37
CA PRO A 155 -1.71 21.54 25.50
C PRO A 155 -3.11 21.92 25.02
N GLY A 156 -4.09 21.47 25.78
CA GLY A 156 -5.48 21.79 25.55
C GLY A 156 -6.10 20.97 24.42
N LEU A 157 -5.31 20.09 23.79
CA LEU A 157 -5.82 19.40 22.59
C LEU A 157 -7.19 18.81 22.78
N ARG A 158 -7.41 18.08 23.87
CA ARG A 158 -8.77 17.58 24.13
C ARG A 158 -9.87 18.65 24.21
N GLU A 159 -9.48 19.86 24.62
CA GLU A 159 -10.38 21.02 24.71
CA GLU A 159 -10.40 20.96 24.72
C GLU A 159 -10.62 21.68 23.36
N THR A 160 -9.54 21.96 22.62
CA THR A 160 -9.66 22.67 21.38
C THR A 160 -10.09 21.78 20.20
N PHE A 161 -9.90 20.46 20.34
CA PHE A 161 -10.07 19.53 19.19
C PHE A 161 -11.47 18.93 18.99
N ASP A 162 -12.04 19.13 17.81
CA ASP A 162 -13.29 18.40 17.45
C ASP A 162 -12.84 16.99 16.99
N HIS A 163 -13.08 16.01 17.84
CA HIS A 163 -12.59 14.64 17.60
C HIS A 163 -13.17 13.95 16.33
N GLU A 164 -14.20 14.53 15.72
CA GLU A 164 -14.67 14.04 14.43
C GLU A 164 -13.97 14.68 13.23
N ALA A 165 -13.12 15.68 13.50
CA ALA A 165 -12.52 16.48 12.46
C ALA A 165 -11.09 16.05 12.14
N SER A 166 -10.46 16.72 11.18
CA SER A 166 -9.08 16.36 10.82
C SER A 166 -8.11 16.81 11.92
N LEU A 167 -7.34 15.86 12.48
CA LEU A 167 -6.29 16.22 13.43
C LEU A 167 -5.18 17.02 12.71
N TYR A 168 -4.94 16.72 11.43
CA TYR A 168 -3.87 17.46 10.74
C TYR A 168 -4.22 18.95 10.63
N ALA A 169 -5.49 19.25 10.42
CA ALA A 169 -5.93 20.66 10.34
C ALA A 169 -5.76 21.35 11.70
N GLU A 170 -6.07 20.62 12.76
CA GLU A 170 -5.89 21.14 14.10
C GLU A 170 -4.44 21.40 14.42
N ILE A 171 -3.57 20.47 14.03
CA ILE A 171 -2.15 20.66 14.23
C ILE A 171 -1.61 21.84 13.40
N ARG A 172 -2.04 21.95 12.14
CA ARG A 172 -1.65 23.09 11.32
C ARG A 172 -2.08 24.43 11.94
N SER A 173 -3.29 24.45 12.50
CA SER A 173 -3.89 25.65 13.15
C SER A 173 -3.08 26.08 14.37
N ARG A 174 -2.26 25.18 14.90
CA ARG A 174 -1.37 25.49 16.02
C ARG A 174 0.06 25.96 15.56
N GLY A 175 0.21 26.19 14.26
CA GLY A 175 1.45 26.70 13.67
C GLY A 175 2.49 25.63 13.36
N ILE A 176 2.04 24.39 13.24
CA ILE A 176 2.93 23.24 13.03
C ILE A 176 2.66 22.70 11.64
N ALA A 177 3.66 22.74 10.80
CA ALA A 177 3.45 22.39 9.39
C ALA A 177 3.91 20.95 9.15
N PHE A 178 3.16 20.22 8.34
CA PHE A 178 3.51 18.84 8.00
C PHE A 178 4.47 18.95 6.85
N THR A 179 5.75 18.72 7.15
CA THR A 179 6.84 18.98 6.22
C THR A 179 7.38 17.66 5.62
N ARG A 180 7.49 16.62 6.45
CA ARG A 180 7.96 15.32 5.98
C ARG A 180 7.16 14.19 6.65
N THR A 181 6.66 13.24 5.85
CA THR A 181 6.11 11.96 6.35
C THR A 181 6.96 10.77 5.90
N VAL A 182 6.94 9.72 6.73
CA VAL A 182 7.65 8.44 6.47
C VAL A 182 6.67 7.32 6.78
N ASP A 183 6.21 6.63 5.74
CA ASP A 183 5.21 5.58 5.85
C ASP A 183 5.87 4.22 5.67
N THR A 184 5.35 3.22 6.39
CA THR A 184 5.53 1.82 6.01
C THR A 184 4.14 1.26 5.75
N ILE A 185 4.03 0.42 4.74
CA ILE A 185 2.76 -0.18 4.42
C ILE A 185 2.99 -1.66 4.40
N ASP A 186 2.16 -2.38 5.15
CA ASP A 186 2.23 -3.82 5.25
C ASP A 186 0.84 -4.38 5.08
N THR A 187 0.73 -5.69 4.82
CA THR A 187 -0.55 -6.34 4.97
C THR A 187 -0.69 -6.86 6.40
N ALA A 188 -1.92 -7.13 6.83
CA ALA A 188 -2.19 -7.65 8.17
C ALA A 188 -3.52 -8.34 8.26
N LEU A 189 -3.74 -9.02 9.40
CA LEU A 189 -5.02 -9.55 9.81
C LEU A 189 -5.41 -8.94 11.15
N PRO A 190 -6.71 -8.71 11.39
CA PRO A 190 -7.05 -8.08 12.64
C PRO A 190 -7.02 -9.08 13.78
N ASP A 191 -6.66 -8.57 14.96
CA ASP A 191 -6.85 -9.31 16.21
C ASP A 191 -8.33 -9.20 16.65
N ALA A 192 -8.70 -9.85 17.76
CA ALA A 192 -10.11 -9.95 18.17
C ALA A 192 -10.78 -8.56 18.38
N ARG A 193 -10.06 -7.64 18.99
CA ARG A 193 -10.60 -6.32 19.20
C ARG A 193 -10.77 -5.57 17.88
N GLU A 194 -9.74 -5.63 17.02
CA GLU A 194 -9.77 -4.88 15.75
C GLU A 194 -10.92 -5.39 14.86
N ALA A 195 -11.12 -6.70 14.91
CA ALA A 195 -12.17 -7.33 14.13
C ALA A 195 -13.53 -6.85 14.61
N ALA A 196 -13.74 -6.81 15.93
CA ALA A 196 -14.99 -6.32 16.49
C ALA A 196 -15.27 -4.85 16.17
N LEU A 197 -14.21 -4.03 16.19
CA LEU A 197 -14.35 -2.57 15.89
C LEU A 197 -14.66 -2.35 14.43
N LEU A 198 -14.24 -3.27 13.57
CA LEU A 198 -14.26 -2.98 12.14
C LEU A 198 -15.20 -3.89 11.33
N GLY A 199 -16.03 -4.65 12.03
CA GLY A 199 -17.04 -5.57 11.39
C GLY A 199 -16.41 -6.68 10.60
N ALA A 200 -15.25 -7.12 11.04
CA ALA A 200 -14.40 -8.01 10.26
C ALA A 200 -14.24 -9.36 10.97
N ASP A 201 -13.51 -10.27 10.35
CA ASP A 201 -13.13 -11.50 11.04
C ASP A 201 -11.65 -11.72 10.96
N ALA A 202 -11.20 -12.80 11.60
CA ALA A 202 -9.79 -13.12 11.67
C ALA A 202 -9.08 -13.27 10.32
N ARG A 203 -9.84 -13.42 9.23
CA ARG A 203 -9.27 -13.66 7.91
C ARG A 203 -9.36 -12.46 7.01
N THR A 204 -10.07 -11.43 7.45
CA THR A 204 -10.24 -10.21 6.65
C THR A 204 -8.90 -9.54 6.37
N PRO A 205 -8.54 -9.42 5.08
CA PRO A 205 -7.28 -8.76 4.72
C PRO A 205 -7.30 -7.25 5.05
N MET A 206 -6.24 -6.80 5.73
CA MET A 206 -6.04 -5.37 6.14
C MET A 206 -4.75 -4.77 5.56
N PHE A 207 -4.75 -3.45 5.39
CA PHE A 207 -3.56 -2.66 5.19
C PHE A 207 -3.16 -2.20 6.63
N LEU A 208 -1.85 -2.18 6.89
CA LEU A 208 -1.30 -1.67 8.15
C LEU A 208 -0.25 -0.65 7.80
N LEU A 209 -0.58 0.63 7.98
CA LEU A 209 0.36 1.71 7.74
C LEU A 209 0.91 2.24 9.04
N ASN A 210 2.18 2.52 9.05
CA ASN A 210 2.82 3.19 10.19
C ASN A 210 3.48 4.44 9.70
N ARG A 211 3.14 5.57 10.31
CA ARG A 211 3.66 6.87 9.88
C ARG A 211 4.32 7.62 11.01
N VAL A 212 5.42 8.31 10.71
CA VAL A 212 5.94 9.34 11.58
C VAL A 212 5.92 10.59 10.72
N SER A 213 5.42 11.68 11.29
CA SER A 213 5.37 12.97 10.63
C SER A 213 6.29 13.93 11.34
N TYR A 214 6.87 14.83 10.55
CA TYR A 214 7.85 15.79 10.99
C TYR A 214 7.48 17.20 10.50
N ASP A 215 7.75 18.16 11.36
CA ASP A 215 7.35 19.55 11.14
C ASP A 215 8.45 20.35 10.46
N GLN A 216 8.26 21.67 10.40
CA GLN A 216 9.19 22.57 9.69
C GLN A 216 10.60 22.61 10.31
N ASP A 217 10.71 22.24 11.59
CA ASP A 217 12.01 22.11 12.25
C ASP A 217 12.52 20.68 12.29
N ASP A 218 11.86 19.78 11.56
CA ASP A 218 12.15 18.35 11.61
C ASP A 218 11.95 17.76 13.01
N VAL A 219 10.98 18.29 13.77
CA VAL A 219 10.63 17.74 15.06
C VAL A 219 9.39 16.86 14.84
N ALA A 220 9.39 15.67 15.44
CA ALA A 220 8.29 14.72 15.25
C ALA A 220 6.96 15.30 15.74
N ILE A 221 5.92 15.11 14.93
CA ILE A 221 4.57 15.60 15.23
C ILE A 221 3.75 14.46 15.90
N GLU A 222 3.90 13.24 15.36
CA GLU A 222 3.02 12.10 15.68
C GLU A 222 3.68 10.82 15.22
N GLN A 223 3.26 9.72 15.83
CA GLN A 223 3.45 8.40 15.21
C GLN A 223 2.05 7.86 15.07
N ARG A 224 1.67 7.44 13.86
CA ARG A 224 0.29 7.06 13.63
C ARG A 224 0.29 5.63 13.01
N ARG A 225 -0.53 4.76 13.59
CA ARG A 225 -0.81 3.43 13.06
C ARG A 225 -2.23 3.44 12.51
N SER A 226 -2.41 2.99 11.25
CA SER A 226 -3.76 2.95 10.68
C SER A 226 -3.98 1.53 10.16
N LEU A 227 -5.03 0.85 10.61
CA LEU A 227 -5.35 -0.48 10.15
C LEU A 227 -6.64 -0.35 9.33
N TYR A 228 -6.55 -0.58 8.01
CA TYR A 228 -7.69 -0.36 7.11
C TYR A 228 -8.14 -1.70 6.50
N ARG A 229 -9.45 -1.89 6.35
CA ARG A 229 -9.97 -3.10 5.65
C ARG A 229 -9.57 -2.98 4.19
N GLY A 230 -8.93 -4.02 3.68
CA GLY A 230 -8.45 -4.01 2.27
C GLY A 230 -9.63 -3.81 1.29
N ASP A 231 -10.80 -4.33 1.66
CA ASP A 231 -12.01 -4.25 0.82
C ASP A 231 -12.68 -2.86 0.80
N ARG A 232 -12.15 -1.92 1.60
CA ARG A 232 -12.75 -0.60 1.63
C ARG A 232 -11.75 0.51 1.31
N MET A 233 -10.52 0.14 0.99
CA MET A 233 -9.53 1.17 0.82
C MET A 233 -8.55 0.86 -0.29
N THR A 234 -8.24 1.87 -1.09
CA THR A 234 -7.14 1.82 -2.05
C THR A 234 -6.22 2.97 -1.79
N PHE A 235 -4.91 2.76 -1.84
CA PHE A 235 -3.97 3.86 -1.79
C PHE A 235 -3.39 4.14 -3.15
N THR A 236 -3.21 5.42 -3.45
CA THR A 236 -2.62 5.89 -4.70
C THR A 236 -1.41 6.75 -4.37
N ALA A 237 -0.40 6.69 -5.22
CA ALA A 237 0.83 7.41 -4.98
C ALA A 237 1.37 7.84 -6.30
N VAL A 238 1.52 9.15 -6.45
CA VAL A 238 2.09 9.71 -7.65
C VAL A 238 3.49 10.18 -7.29
N MET A 239 4.52 9.69 -8.01
CA MET A 239 5.91 10.07 -7.76
C MET A 239 6.50 10.73 -9.00
N HIS A 240 7.35 11.73 -8.77
CA HIS A 240 8.05 12.44 -9.85
C HIS A 240 9.53 12.24 -9.68
N ALA A 241 10.25 12.16 -10.80
CA ALA A 241 11.71 11.94 -10.75
C ALA A 241 12.45 13.19 -10.27
N LYS A 242 12.06 14.35 -10.81
CA LYS A 242 12.74 15.64 -10.55
C LYS A 242 12.85 16.04 -9.08
N ASN A 243 11.83 15.71 -8.28
CA ASN A 243 11.85 16.03 -6.84
C ASN A 243 11.71 14.78 -5.96
N VAL B 18 28.34 -1.60 21.34
CA VAL B 18 28.75 -3.00 21.02
C VAL B 18 27.58 -4.00 21.13
N VAL B 19 26.41 -3.55 21.62
CA VAL B 19 25.22 -4.43 21.74
C VAL B 19 24.33 -4.63 20.48
N ARG B 20 24.04 -3.56 19.75
CA ARG B 20 23.37 -3.70 18.46
C ARG B 20 24.30 -4.39 17.46
N ALA B 21 25.62 -4.22 17.65
CA ALA B 21 26.62 -4.82 16.77
C ALA B 21 26.81 -6.30 17.11
N GLU B 22 26.70 -6.60 18.39
CA GLU B 22 26.87 -7.96 18.80
C GLU B 22 25.71 -8.82 18.34
N LEU B 23 24.51 -8.26 18.46
CA LEU B 23 23.30 -8.93 18.01
C LEU B 23 23.33 -9.13 16.49
N ASP B 24 23.80 -8.11 15.75
CA ASP B 24 23.97 -8.20 14.29
C ASP B 24 24.88 -9.34 13.93
N ARG B 25 25.97 -9.49 14.68
CA ARG B 25 26.98 -10.53 14.45
C ARG B 25 26.37 -11.91 14.68
N MET B 26 25.58 -12.03 15.75
CA MET B 26 24.85 -13.25 16.06
C MET B 26 23.90 -13.65 14.90
N LEU B 27 23.08 -12.69 14.44
CA LEU B 27 22.09 -12.94 13.40
C LEU B 27 22.74 -13.44 12.14
N ASP B 28 23.93 -12.89 11.88
CA ASP B 28 24.74 -13.33 10.77
C ASP B 28 24.94 -14.84 10.74
N GLY B 29 25.22 -15.42 11.91
CA GLY B 29 25.46 -16.83 11.98
C GLY B 29 24.26 -17.72 12.26
N MET B 30 23.10 -17.15 12.56
CA MET B 30 21.93 -17.94 12.97
C MET B 30 21.00 -18.27 11.79
N ARG B 31 20.18 -19.32 11.94
CA ARG B 31 19.20 -19.66 10.89
C ARG B 31 17.89 -19.08 11.25
N ILE B 32 17.03 -18.88 10.24
CA ILE B 32 15.65 -18.53 10.48
C ILE B 32 15.06 -19.50 11.47
N GLY B 33 14.43 -18.96 12.50
CA GLY B 33 13.82 -19.77 13.52
C GLY B 33 14.65 -20.03 14.78
N ASP B 34 15.93 -19.68 14.75
CA ASP B 34 16.83 -19.96 15.87
C ASP B 34 16.43 -19.05 17.02
N PRO B 35 16.36 -19.61 18.24
CA PRO B 35 15.99 -18.76 19.39
C PRO B 35 17.23 -18.08 20.04
N PHE B 36 17.14 -16.78 20.31
CA PHE B 36 18.22 -16.10 21.04
C PHE B 36 18.23 -16.60 22.50
N PRO B 37 19.39 -16.51 23.19
CA PRO B 37 19.36 -16.69 24.66
C PRO B 37 18.40 -15.67 25.31
N ALA B 38 18.00 -15.94 26.55
CA ALA B 38 17.11 -15.05 27.31
C ALA B 38 17.78 -13.68 27.48
N GLU B 39 16.94 -12.65 27.58
CA GLU B 39 17.34 -11.24 27.74
C GLU B 39 18.40 -11.07 28.82
N ARG B 40 18.17 -11.71 29.96
CA ARG B 40 19.14 -11.62 31.06
C ARG B 40 20.50 -12.20 30.69
N GLU B 41 20.52 -13.30 29.93
CA GLU B 41 21.80 -13.89 29.61
C GLU B 41 22.60 -13.02 28.67
N ILE B 42 21.93 -12.49 27.65
CA ILE B 42 22.56 -11.62 26.68
C ILE B 42 23.10 -10.40 27.43
N ALA B 43 22.32 -9.86 28.33
CA ALA B 43 22.74 -8.64 29.06
C ALA B 43 24.02 -8.92 29.85
N GLU B 44 24.06 -10.05 30.52
CA GLU B 44 25.20 -10.37 31.36
C GLU B 44 26.40 -10.73 30.52
N GLN B 45 26.16 -11.33 29.35
CA GLN B 45 27.24 -11.69 28.43
C GLN B 45 28.03 -10.46 27.94
N PHE B 46 27.32 -9.40 27.62
CA PHE B 46 27.93 -8.19 27.06
C PHE B 46 28.05 -7.05 28.06
N GLU B 47 27.81 -7.34 29.34
CA GLU B 47 27.91 -6.33 30.42
C GLU B 47 27.10 -5.07 30.13
N VAL B 48 25.81 -5.26 29.83
CA VAL B 48 24.87 -4.15 29.67
C VAL B 48 23.60 -4.42 30.46
N ALA B 49 22.74 -3.41 30.60
CA ALA B 49 21.48 -3.57 31.36
C ALA B 49 20.50 -4.40 30.55
N ARG B 50 19.66 -5.15 31.25
CA ARG B 50 18.54 -5.85 30.59
C ARG B 50 17.71 -4.95 29.69
N GLU B 51 17.44 -3.72 30.10
CA GLU B 51 16.66 -2.79 29.29
C GLU B 51 17.34 -2.45 27.98
N THR B 52 18.66 -2.52 27.98
CA THR B 52 19.43 -2.19 26.80
C THR B 52 19.25 -3.31 25.79
N VAL B 53 19.40 -4.55 26.24
CA VAL B 53 19.17 -5.72 25.38
C VAL B 53 17.72 -5.72 24.89
N ARG B 54 16.79 -5.41 25.80
CA ARG B 54 15.38 -5.42 25.49
C ARG B 54 15.05 -4.45 24.34
N GLN B 55 15.62 -3.24 24.41
CA GLN B 55 15.38 -2.22 23.37
C GLN B 55 15.95 -2.64 22.02
N ALA B 56 17.15 -3.21 22.03
CA ALA B 56 17.82 -3.65 20.80
C ALA B 56 17.04 -4.77 20.09
N LEU B 57 16.61 -5.77 20.86
CA LEU B 57 15.78 -6.83 20.27
C LEU B 57 14.46 -6.25 19.74
N ARG B 58 13.85 -5.36 20.49
CA ARG B 58 12.62 -4.72 20.08
C ARG B 58 12.71 -3.90 18.77
N GLU B 59 13.85 -3.25 18.53
CA GLU B 59 14.01 -2.56 17.25
C GLU B 59 14.41 -3.54 16.15
N LEU B 60 15.09 -4.63 16.51
CA LEU B 60 15.36 -5.70 15.55
C LEU B 60 14.00 -6.26 15.09
N LEU B 61 13.03 -6.28 16.00
CA LEU B 61 11.70 -6.80 15.70
C LEU B 61 10.95 -5.84 14.77
N ILE B 62 11.11 -4.55 15.05
CA ILE B 62 10.53 -3.51 14.20
C ILE B 62 11.12 -3.60 12.79
N ASP B 63 12.43 -3.81 12.68
CA ASP B 63 13.06 -3.98 11.37
C ASP B 63 12.66 -5.28 10.68
N GLY B 64 11.85 -6.11 11.34
CA GLY B 64 11.42 -7.40 10.79
C GLY B 64 12.45 -8.53 10.75
N ARG B 65 13.56 -8.36 11.47
CA ARG B 65 14.67 -9.28 11.45
C ARG B 65 14.57 -10.36 12.51
N VAL B 66 13.74 -10.13 13.53
CA VAL B 66 13.45 -11.14 14.55
C VAL B 66 11.97 -11.09 14.78
N GLU B 67 11.45 -12.07 15.51
CA GLU B 67 10.04 -12.12 15.83
C GLU B 67 9.91 -12.91 17.11
N ARG B 68 8.77 -12.75 17.76
CA ARG B 68 8.52 -13.46 19.00
C ARG B 68 7.92 -14.82 18.68
N ARG B 69 8.35 -15.81 19.46
CA ARG B 69 7.75 -17.15 19.46
C ARG B 69 7.56 -17.52 20.93
N GLY B 70 6.35 -17.30 21.44
CA GLY B 70 6.05 -17.46 22.87
C GLY B 70 6.88 -16.54 23.75
N ARG B 71 7.58 -17.13 24.73
CA ARG B 71 8.51 -16.40 25.61
C ARG B 71 9.86 -16.11 24.95
N THR B 72 10.08 -16.63 23.75
CA THR B 72 11.36 -16.46 23.10
C THR B 72 11.30 -15.49 21.93
N THR B 73 12.49 -15.05 21.53
CA THR B 73 12.71 -14.22 20.35
C THR B 73 13.54 -15.03 19.35
N VAL B 74 13.06 -15.14 18.12
CA VAL B 74 13.71 -16.02 17.11
C VAL B 74 14.02 -15.22 15.85
N VAL B 75 15.01 -15.68 15.10
CA VAL B 75 15.41 -15.06 13.84
C VAL B 75 14.23 -15.20 12.86
N ALA B 76 13.92 -14.13 12.14
CA ALA B 76 12.81 -14.14 11.20
C ALA B 76 13.41 -14.00 9.80
N ARG B 77 12.62 -14.35 8.79
CA ARG B 77 12.98 -14.05 7.41
CA ARG B 77 13.02 -14.01 7.44
C ARG B 77 12.49 -12.61 7.16
N PRO B 78 13.42 -11.64 6.96
CA PRO B 78 12.93 -10.25 6.87
C PRO B 78 12.17 -9.98 5.57
N LYS B 79 11.12 -9.17 5.67
CA LYS B 79 10.38 -8.68 4.48
C LYS B 79 11.32 -7.77 3.69
N ILE B 80 11.25 -7.81 2.37
CA ILE B 80 12.02 -6.83 1.60
C ILE B 80 11.36 -5.47 1.80
N ARG B 81 12.14 -4.44 2.08
CA ARG B 81 11.62 -3.07 2.24
C ARG B 81 11.86 -2.21 1.00
N GLN B 82 10.81 -2.13 0.21
CA GLN B 82 10.88 -1.53 -1.11
C GLN B 82 10.29 -0.12 -1.11
N PRO B 83 11.14 0.90 -1.40
CA PRO B 83 10.58 2.26 -1.54
C PRO B 83 9.64 2.32 -2.74
N LEU B 84 8.44 2.88 -2.57
CA LEU B 84 7.56 3.14 -3.73
C LEU B 84 8.25 4.19 -4.60
N GLY B 85 8.17 4.06 -5.92
CA GLY B 85 8.94 4.99 -6.77
C GLY B 85 9.68 4.28 -7.87
N MET B 86 10.75 4.89 -8.37
CA MET B 86 11.41 4.41 -9.59
C MET B 86 12.72 3.63 -9.38
N GLY B 87 13.01 3.27 -8.13
CA GLY B 87 14.22 2.49 -7.76
C GLY B 87 14.14 0.99 -8.08
N SER B 88 15.18 0.25 -7.71
CA SER B 88 15.26 -1.16 -8.07
C SER B 88 14.90 -2.10 -6.93
N TYR B 89 14.22 -3.17 -7.29
CA TYR B 89 13.84 -4.23 -6.37
C TYR B 89 15.10 -4.90 -5.80
N THR B 90 16.03 -5.23 -6.70
CA THR B 90 17.25 -5.92 -6.31
C THR B 90 18.18 -5.01 -5.52
N GLU B 91 18.20 -3.73 -5.87
CA GLU B 91 18.95 -2.75 -5.10
C GLU B 91 18.40 -2.65 -3.67
N ALA B 92 17.07 -2.60 -3.54
CA ALA B 92 16.44 -2.53 -2.20
C ALA B 92 16.83 -3.72 -1.33
N ALA B 93 16.77 -4.92 -1.90
CA ALA B 93 17.15 -6.15 -1.21
C ALA B 93 18.64 -6.16 -0.85
N LYS B 94 19.45 -5.63 -1.76
CA LYS B 94 20.91 -5.47 -1.57
C LYS B 94 21.26 -4.54 -0.40
N ALA B 95 20.48 -3.48 -0.24
CA ALA B 95 20.55 -2.57 0.93
C ALA B 95 20.35 -3.29 2.28
N GLN B 96 19.69 -4.45 2.25
CA GLN B 96 19.46 -5.25 3.46
C GLN B 96 20.30 -6.53 3.49
N GLY B 97 21.30 -6.60 2.63
CA GLY B 97 22.13 -7.81 2.50
C GLY B 97 21.34 -9.07 2.12
N LEU B 98 20.25 -8.91 1.38
CA LEU B 98 19.51 -10.08 0.89
C LEU B 98 19.70 -10.23 -0.63
N SER B 99 19.82 -11.47 -1.10
CA SER B 99 20.00 -11.73 -2.53
C SER B 99 18.62 -11.71 -3.16
N ALA B 100 18.48 -11.04 -4.29
CA ALA B 100 17.16 -10.93 -4.93
C ALA B 100 17.32 -11.18 -6.40
N GLY B 101 16.32 -11.76 -7.04
CA GLY B 101 16.44 -12.00 -8.48
C GLY B 101 15.10 -12.06 -9.18
N ARG B 102 15.16 -12.17 -10.52
CA ARG B 102 14.00 -12.29 -11.41
C ARG B 102 14.14 -13.47 -12.33
N ILE B 103 13.04 -14.17 -12.56
CA ILE B 103 13.01 -15.38 -13.37
C ILE B 103 11.91 -15.18 -14.41
N LEU B 104 12.23 -15.53 -15.64
CA LEU B 104 11.27 -15.42 -16.72
C LEU B 104 10.09 -16.36 -16.48
N VAL B 105 8.89 -15.84 -16.65
CA VAL B 105 7.68 -16.73 -16.77
C VAL B 105 7.42 -16.88 -18.26
N ALA B 106 7.10 -15.77 -18.92
CA ALA B 106 6.78 -15.83 -20.35
C ALA B 106 6.79 -14.46 -20.97
N TRP B 107 7.16 -14.41 -22.24
CA TRP B 107 6.81 -13.26 -23.08
C TRP B 107 5.52 -13.61 -23.79
N SER B 108 4.66 -12.59 -23.97
CA SER B 108 3.37 -12.73 -24.69
C SER B 108 3.14 -11.55 -25.66
N ASP B 109 2.55 -11.83 -26.82
CA ASP B 109 2.22 -10.79 -27.76
C ASP B 109 0.74 -10.50 -27.73
N LEU B 110 0.39 -9.26 -27.41
CA LEU B 110 -1.02 -8.86 -27.29
C LEU B 110 -1.32 -7.70 -28.20
N THR B 111 -2.59 -7.29 -28.25
CA THR B 111 -2.97 -6.02 -28.87
C THR B 111 -3.68 -5.16 -27.78
N ALA B 112 -3.57 -3.85 -27.92
CA ALA B 112 -4.17 -2.95 -26.94
C ALA B 112 -5.68 -2.89 -27.14
N ASP B 113 -6.44 -3.14 -26.08
CA ASP B 113 -7.88 -2.88 -26.15
C ASP B 113 -8.13 -1.42 -25.84
N GLU B 114 -9.39 -1.05 -25.80
CA GLU B 114 -9.69 0.33 -25.62
C GLU B 114 -9.16 0.88 -24.28
N VAL B 115 -9.28 0.10 -23.20
CA VAL B 115 -8.76 0.52 -21.93
C VAL B 115 -7.23 0.66 -22.01
N LEU B 116 -6.56 -0.38 -22.47
CA LEU B 116 -5.07 -0.32 -22.45
C LEU B 116 -4.54 0.72 -23.43
N ALA B 117 -5.26 0.89 -24.54
CA ALA B 117 -4.87 1.91 -25.50
C ALA B 117 -4.93 3.28 -24.88
N GLY B 118 -5.99 3.57 -24.13
CA GLY B 118 -6.11 4.82 -23.32
C GLY B 118 -4.97 4.98 -22.30
N VAL B 119 -4.70 3.92 -21.56
CA VAL B 119 -3.58 3.96 -20.58
C VAL B 119 -2.22 4.29 -21.24
N LEU B 120 -1.91 3.64 -22.36
CA LEU B 120 -0.60 3.76 -22.96
C LEU B 120 -0.51 4.89 -23.99
N GLY B 121 -1.64 5.55 -24.26
CA GLY B 121 -1.73 6.61 -25.27
C GLY B 121 -1.33 6.10 -26.66
N VAL B 122 -1.77 4.90 -26.98
CA VAL B 122 -1.54 4.26 -28.29
C VAL B 122 -2.88 3.98 -28.97
N ASP B 123 -2.84 3.72 -30.28
CA ASP B 123 -4.06 3.40 -31.02
C ASP B 123 -4.64 2.11 -30.48
N VAL B 124 -5.97 2.01 -30.45
CA VAL B 124 -6.60 0.72 -30.26
C VAL B 124 -6.14 -0.27 -31.33
N GLY B 125 -5.77 -1.48 -30.90
CA GLY B 125 -5.18 -2.49 -31.79
C GLY B 125 -3.66 -2.47 -31.87
N ALA B 126 -3.02 -1.53 -31.19
CA ALA B 126 -1.57 -1.39 -31.30
C ALA B 126 -0.88 -2.62 -30.65
N PRO B 127 0.30 -3.02 -31.16
CA PRO B 127 0.91 -4.23 -30.60
C PRO B 127 1.43 -3.97 -29.19
N VAL B 128 1.24 -4.96 -28.34
CA VAL B 128 1.63 -4.91 -26.92
C VAL B 128 2.52 -6.11 -26.66
N LEU B 129 3.68 -5.89 -26.03
CA LEU B 129 4.58 -6.95 -25.67
C LEU B 129 4.48 -7.07 -24.16
N GLN B 130 4.14 -8.26 -23.67
CA GLN B 130 3.98 -8.44 -22.23
C GLN B 130 5.11 -9.30 -21.74
N LEU B 131 5.72 -8.87 -20.62
CA LEU B 131 6.80 -9.59 -19.96
C LEU B 131 6.25 -10.00 -18.58
N GLU B 132 6.24 -11.29 -18.29
CA GLU B 132 5.86 -11.74 -16.96
CA GLU B 132 5.82 -11.82 -16.97
C GLU B 132 7.04 -12.44 -16.30
N ARG B 133 7.32 -12.04 -15.06
CA ARG B 133 8.46 -12.55 -14.33
C ARG B 133 8.09 -12.76 -12.90
N VAL B 134 8.77 -13.69 -12.26
CA VAL B 134 8.63 -13.83 -10.81
CA VAL B 134 8.63 -13.84 -10.80
C VAL B 134 9.87 -13.28 -10.13
N LEU B 135 9.64 -12.62 -9.02
CA LEU B 135 10.62 -11.96 -8.19
C LEU B 135 10.87 -12.87 -6.98
N THR B 136 12.15 -13.07 -6.68
CA THR B 136 12.57 -14.01 -5.65
CA THR B 136 12.59 -14.02 -5.66
C THR B 136 13.55 -13.31 -4.71
N THR B 137 13.63 -13.78 -3.46
CA THR B 137 14.65 -13.29 -2.52
C THR B 137 15.07 -14.47 -1.63
N ASP B 138 16.37 -14.69 -1.48
CA ASP B 138 16.91 -15.75 -0.59
C ASP B 138 16.19 -17.10 -0.83
N GLY B 139 16.05 -17.47 -2.10
CA GLY B 139 15.44 -18.76 -2.48
C GLY B 139 13.92 -18.89 -2.43
N VAL B 140 13.21 -17.82 -2.00
CA VAL B 140 11.76 -17.92 -1.91
C VAL B 140 11.02 -16.91 -2.83
N ARG B 141 9.83 -17.27 -3.30
CA ARG B 141 9.13 -16.39 -4.28
C ARG B 141 8.47 -15.23 -3.55
N VAL B 142 8.54 -14.04 -4.14
CA VAL B 142 8.00 -12.82 -3.52
C VAL B 142 6.85 -12.25 -4.33
N GLY B 143 6.97 -12.25 -5.63
CA GLY B 143 5.94 -11.57 -6.42
C GLY B 143 5.90 -11.97 -7.88
N LEU B 144 4.72 -11.74 -8.48
CA LEU B 144 4.52 -11.92 -9.93
C LEU B 144 4.37 -10.54 -10.56
N GLU B 145 5.26 -10.21 -11.49
CA GLU B 145 5.31 -8.93 -12.17
C GLU B 145 4.86 -9.11 -13.62
N THR B 146 3.80 -8.44 -14.02
CA THR B 146 3.28 -8.51 -15.40
C THR B 146 3.38 -7.12 -16.03
N THR B 147 4.31 -6.95 -16.96
CA THR B 147 4.53 -5.65 -17.58
C THR B 147 3.96 -5.66 -19.01
N LYS B 148 3.05 -4.74 -19.27
CA LYS B 148 2.59 -4.51 -20.63
C LYS B 148 3.27 -3.30 -21.24
N LEU B 149 3.91 -3.53 -22.38
CA LEU B 149 4.65 -2.50 -23.09
C LEU B 149 4.06 -2.24 -24.47
N PRO B 150 4.02 -0.96 -24.89
CA PRO B 150 3.73 -0.66 -26.29
C PRO B 150 4.92 -1.15 -27.13
N ALA B 151 4.71 -2.23 -27.89
CA ALA B 151 5.80 -2.90 -28.57
C ALA B 151 6.60 -2.01 -29.56
N GLN B 152 5.92 -1.07 -30.22
CA GLN B 152 6.54 -0.11 -31.15
C GLN B 152 7.67 0.70 -30.51
N ARG B 153 7.59 0.90 -29.20
CA ARG B 153 8.58 1.69 -28.51
C ARG B 153 9.90 0.95 -28.32
N TYR B 154 9.88 -0.39 -28.37
CA TYR B 154 11.05 -1.22 -27.95
C TYR B 154 11.47 -2.28 -28.95
N PRO B 155 11.83 -1.86 -30.18
CA PRO B 155 12.27 -2.88 -31.15
C PRO B 155 13.41 -3.71 -30.59
N GLY B 156 13.33 -5.01 -30.80
CA GLY B 156 14.41 -5.91 -30.44
C GLY B 156 14.48 -6.29 -28.97
N LEU B 157 13.54 -5.79 -28.16
CA LEU B 157 13.59 -6.06 -26.73
C LEU B 157 13.47 -7.54 -26.46
N ARG B 158 12.51 -8.21 -27.09
CA ARG B 158 12.24 -9.60 -26.78
C ARG B 158 13.41 -10.47 -27.18
N GLU B 159 14.13 -10.05 -28.21
CA GLU B 159 15.20 -10.87 -28.79
C GLU B 159 16.49 -10.69 -27.99
N THR B 160 16.72 -9.49 -27.49
CA THR B 160 17.99 -9.20 -26.84
C THR B 160 18.00 -9.03 -25.32
N PHE B 161 16.89 -8.64 -24.68
CA PHE B 161 16.89 -8.18 -23.27
C PHE B 161 17.20 -9.38 -22.36
N ASP B 162 18.08 -9.16 -21.40
CA ASP B 162 18.39 -10.15 -20.36
C ASP B 162 17.26 -10.15 -19.32
N HIS B 163 16.38 -11.16 -19.36
CA HIS B 163 15.17 -11.13 -18.52
C HIS B 163 15.44 -11.22 -17.04
N GLU B 164 16.68 -11.54 -16.65
CA GLU B 164 17.06 -11.47 -15.22
C GLU B 164 17.43 -10.08 -14.73
N ALA B 165 17.66 -9.16 -15.65
CA ALA B 165 18.15 -7.82 -15.31
C ALA B 165 16.99 -6.83 -15.10
N SER B 166 17.36 -5.60 -14.75
CA SER B 166 16.40 -4.55 -14.58
C SER B 166 15.82 -4.13 -15.93
N LEU B 167 14.49 -4.21 -16.09
CA LEU B 167 13.82 -3.67 -17.26
C LEU B 167 13.89 -2.12 -17.27
N TYR B 168 13.84 -1.50 -16.09
CA TYR B 168 13.96 -0.04 -16.01
C TYR B 168 15.33 0.45 -16.49
N ALA B 169 16.39 -0.21 -16.05
CA ALA B 169 17.73 0.08 -16.64
C ALA B 169 17.78 -0.08 -18.18
N GLU B 170 17.22 -1.16 -18.71
CA GLU B 170 17.13 -1.36 -20.16
C GLU B 170 16.36 -0.26 -20.93
N ILE B 171 15.22 0.14 -20.40
CA ILE B 171 14.43 1.21 -20.99
C ILE B 171 15.24 2.55 -20.97
N ARG B 172 15.88 2.83 -19.84
CA ARG B 172 16.73 4.03 -19.76
C ARG B 172 17.86 3.95 -20.79
N SER B 173 18.42 2.76 -20.98
CA SER B 173 19.52 2.55 -21.96
C SER B 173 19.12 2.81 -23.39
N ARG B 174 17.81 2.73 -23.62
CA ARG B 174 17.22 3.05 -24.90
C ARG B 174 16.87 4.55 -25.04
N GLY B 175 17.19 5.38 -24.05
CA GLY B 175 16.87 6.82 -24.14
C GLY B 175 15.57 7.28 -23.53
N ILE B 176 14.95 6.40 -22.76
CA ILE B 176 13.61 6.67 -22.20
C ILE B 176 13.75 6.84 -20.70
N ALA B 177 13.56 8.07 -20.24
CA ALA B 177 13.69 8.34 -18.80
C ALA B 177 12.35 8.24 -18.08
N PHE B 178 12.36 7.58 -16.93
CA PHE B 178 11.17 7.52 -16.06
C PHE B 178 11.06 8.81 -15.32
N THR B 179 9.96 9.51 -15.56
CA THR B 179 9.83 10.88 -15.09
C THR B 179 8.66 10.98 -14.08
N ARG B 180 7.60 10.20 -14.33
CA ARG B 180 6.44 10.24 -13.47
C ARG B 180 5.88 8.83 -13.37
N THR B 181 5.51 8.42 -12.15
CA THR B 181 4.83 7.13 -11.92
C THR B 181 3.53 7.30 -11.12
N VAL B 182 2.51 6.52 -11.47
CA VAL B 182 1.21 6.57 -10.81
C VAL B 182 0.92 5.15 -10.37
N ASP B 183 0.94 4.92 -9.07
CA ASP B 183 0.68 3.61 -8.47
C ASP B 183 -0.72 3.54 -7.83
N THR B 184 -1.45 2.44 -8.01
CA THR B 184 -2.52 2.09 -7.06
C THR B 184 -2.07 0.87 -6.24
N ILE B 185 -2.42 0.86 -4.96
CA ILE B 185 -2.10 -0.22 -4.06
C ILE B 185 -3.37 -0.74 -3.43
N ASP B 186 -3.63 -2.01 -3.69
CA ASP B 186 -4.74 -2.76 -3.17
C ASP B 186 -4.28 -4.02 -2.47
N THR B 187 -5.15 -4.56 -1.63
CA THR B 187 -4.99 -5.89 -1.08
C THR B 187 -5.64 -6.86 -2.08
N ALA B 188 -5.22 -8.11 -2.04
CA ALA B 188 -5.73 -9.17 -2.92
C ALA B 188 -5.41 -10.54 -2.40
N LEU B 189 -6.07 -11.52 -3.00
CA LEU B 189 -5.74 -12.93 -2.82
C LEU B 189 -5.35 -13.56 -4.15
N PRO B 190 -4.47 -14.57 -4.14
CA PRO B 190 -4.01 -15.09 -5.44
C PRO B 190 -4.97 -16.09 -6.05
N ASP B 191 -5.10 -16.10 -7.37
CA ASP B 191 -5.85 -17.16 -8.04
C ASP B 191 -5.03 -18.45 -8.07
N ALA B 192 -5.58 -19.53 -8.64
CA ALA B 192 -4.86 -20.82 -8.60
C ALA B 192 -3.45 -20.77 -9.21
N ARG B 193 -3.33 -20.13 -10.38
CA ARG B 193 -2.04 -20.01 -11.06
C ARG B 193 -1.08 -19.14 -10.25
N GLU B 194 -1.60 -18.02 -9.74
CA GLU B 194 -0.76 -17.11 -8.92
C GLU B 194 -0.27 -17.82 -7.66
N ALA B 195 -1.15 -18.59 -7.04
CA ALA B 195 -0.77 -19.32 -5.84
C ALA B 195 0.34 -20.32 -6.15
N ALA B 196 0.23 -21.01 -7.28
CA ALA B 196 1.21 -21.99 -7.67
C ALA B 196 2.58 -21.37 -7.94
N LEU B 197 2.59 -20.27 -8.71
CA LEU B 197 3.81 -19.54 -9.04
C LEU B 197 4.52 -18.99 -7.79
N LEU B 198 3.75 -18.67 -6.75
CA LEU B 198 4.35 -17.97 -5.59
C LEU B 198 4.49 -18.79 -4.31
N GLY B 199 4.30 -20.12 -4.41
CA GLY B 199 4.32 -20.97 -3.22
C GLY B 199 3.22 -20.68 -2.18
N ALA B 200 2.08 -20.13 -2.60
CA ALA B 200 1.04 -19.62 -1.70
C ALA B 200 -0.22 -20.49 -1.74
N ASP B 201 -1.24 -20.11 -0.98
CA ASP B 201 -2.56 -20.71 -1.11
C ASP B 201 -3.61 -19.63 -1.30
N ALA B 202 -4.88 -20.05 -1.43
CA ALA B 202 -5.99 -19.16 -1.73
C ALA B 202 -6.21 -18.07 -0.71
N ARG B 203 -5.73 -18.30 0.52
CA ARG B 203 -5.85 -17.35 1.64
C ARG B 203 -4.63 -16.45 1.90
N THR B 204 -3.55 -16.64 1.16
CA THR B 204 -2.36 -15.80 1.38
C THR B 204 -2.65 -14.34 1.05
N PRO B 205 -2.48 -13.42 2.01
CA PRO B 205 -2.67 -11.98 1.75
C PRO B 205 -1.60 -11.45 0.80
N MET B 206 -2.02 -10.70 -0.24
CA MET B 206 -1.12 -10.09 -1.24
C MET B 206 -1.32 -8.59 -1.34
N PHE B 207 -0.27 -7.89 -1.78
CA PHE B 207 -0.36 -6.54 -2.31
C PHE B 207 -0.62 -6.74 -3.80
N LEU B 208 -1.57 -5.98 -4.33
CA LEU B 208 -1.71 -5.79 -5.80
C LEU B 208 -1.38 -4.35 -6.14
N LEU B 209 -0.26 -4.12 -6.82
CA LEU B 209 0.11 -2.79 -7.25
C LEU B 209 -0.09 -2.67 -8.74
N ASN B 210 -0.68 -1.56 -9.16
CA ASN B 210 -0.77 -1.24 -10.57
C ASN B 210 -0.10 0.09 -10.84
N ARG B 211 0.83 0.09 -11.77
CA ARG B 211 1.56 1.29 -12.17
C ARG B 211 1.45 1.66 -13.63
N VAL B 212 1.35 2.97 -13.90
CA VAL B 212 1.64 3.50 -15.22
C VAL B 212 2.83 4.44 -15.04
N SER B 213 3.80 4.32 -15.90
CA SER B 213 5.02 5.14 -15.82
C SER B 213 5.09 5.96 -17.10
N TYR B 214 5.59 7.19 -17.00
CA TYR B 214 5.65 8.11 -18.12
C TYR B 214 7.05 8.70 -18.28
N ASP B 215 7.42 9.01 -19.51
CA ASP B 215 8.77 9.40 -19.88
C ASP B 215 8.93 10.95 -19.91
N GLN B 216 10.02 11.43 -20.51
CA GLN B 216 10.41 12.86 -20.45
C GLN B 216 9.41 13.73 -21.18
N ASP B 217 8.72 13.12 -22.13
CA ASP B 217 7.69 13.80 -22.90
C ASP B 217 6.30 13.46 -22.35
N ASP B 218 6.25 12.85 -21.16
CA ASP B 218 5.00 12.38 -20.52
C ASP B 218 4.26 11.34 -21.39
N VAL B 219 5.01 10.61 -22.23
CA VAL B 219 4.46 9.50 -23.03
C VAL B 219 4.57 8.23 -22.16
N ALA B 220 3.50 7.42 -22.09
CA ALA B 220 3.55 6.18 -21.32
C ALA B 220 4.69 5.22 -21.76
N ILE B 221 5.35 4.67 -20.77
CA ILE B 221 6.42 3.66 -20.91
C ILE B 221 5.89 2.26 -20.79
N GLU B 222 4.98 2.08 -19.83
CA GLU B 222 4.52 0.75 -19.46
C GLU B 222 3.22 0.84 -18.63
N GLN B 223 2.55 -0.32 -18.56
CA GLN B 223 1.58 -0.59 -17.53
C GLN B 223 2.01 -1.84 -16.80
N ARG B 224 2.23 -1.73 -15.48
CA ARG B 224 2.88 -2.81 -14.73
C ARG B 224 1.94 -3.27 -13.59
N ARG B 225 1.60 -4.55 -13.60
CA ARG B 225 0.91 -5.17 -12.49
C ARG B 225 1.88 -6.00 -11.67
N SER B 226 1.87 -5.80 -10.34
CA SER B 226 2.77 -6.57 -9.47
C SER B 226 1.97 -7.13 -8.30
N LEU B 227 2.04 -8.45 -8.16
CA LEU B 227 1.30 -9.11 -7.12
C LEU B 227 2.33 -9.70 -6.15
N TYR B 228 2.40 -9.12 -4.93
CA TYR B 228 3.42 -9.54 -3.97
C TYR B 228 2.83 -10.23 -2.78
N ARG B 229 3.54 -11.23 -2.25
CA ARG B 229 3.16 -11.86 -0.99
C ARG B 229 3.34 -10.85 0.13
N GLY B 230 2.29 -10.66 0.89
CA GLY B 230 2.34 -9.67 1.97
C GLY B 230 3.34 -10.08 3.04
N ASP B 231 3.48 -11.38 3.25
CA ASP B 231 4.49 -11.88 4.18
C ASP B 231 5.96 -11.72 3.75
N ARG B 232 6.21 -11.20 2.54
CA ARG B 232 7.57 -11.04 2.05
C ARG B 232 7.89 -9.64 1.58
N MET B 233 6.97 -8.70 1.77
CA MET B 233 7.15 -7.38 1.24
C MET B 233 6.59 -6.30 2.14
N THR B 234 7.37 -5.26 2.37
CA THR B 234 6.93 -4.01 2.98
C THR B 234 7.20 -2.85 2.03
N PHE B 235 6.20 -1.98 1.81
CA PHE B 235 6.44 -0.74 1.07
C PHE B 235 6.72 0.46 1.96
N THR B 236 7.65 1.32 1.54
CA THR B 236 8.02 2.53 2.28
C THR B 236 7.86 3.75 1.40
N ALA B 237 7.53 4.89 2.00
CA ALA B 237 7.33 6.14 1.25
C ALA B 237 7.75 7.32 2.12
N VAL B 238 8.67 8.12 1.59
CA VAL B 238 9.13 9.33 2.28
C VAL B 238 8.66 10.50 1.44
N MET B 239 7.74 11.30 2.00
CA MET B 239 7.12 12.41 1.28
C MET B 239 7.40 13.78 1.89
N HIS B 240 7.54 14.79 1.03
CA HIS B 240 7.88 16.13 1.46
C HIS B 240 6.79 17.12 1.04
N ALA B 241 6.52 18.11 1.89
CA ALA B 241 5.52 19.14 1.59
C ALA B 241 5.91 19.96 0.36
N LYS B 242 7.12 20.52 0.39
CA LYS B 242 7.64 21.35 -0.70
C LYS B 242 7.96 20.53 -1.95
#